data_6BBX
#
_entry.id   6BBX
#
_cell.length_a   45.310
_cell.length_b   67.760
_cell.length_c   83.910
_cell.angle_alpha   90.00
_cell.angle_beta   90.00
_cell.angle_gamma   90.00
#
_symmetry.space_group_name_H-M   'P 21 21 21'
#
loop_
_entity.id
_entity.type
_entity.pdbx_description
1 polymer 'Glyoxalase/bleomycin resisance protein/dioxygenase'
2 non-polymer 'methyl (2R,3R)-2,3-dihydroxy-3-[(1aS,11S,11aR,14Z,18R)-3,7,8,18-tetrahydroxy-4,9-dioxo-4,9,10,11-tetrahydro-11aH-11,1a-hept[3]ene[1,5]diynonaphtho[2,3-h]oxireno[c]quinolin-11a-yl]butanoate'
3 water water
#
_entity_poly.entity_id   1
_entity_poly.type   'polypeptide(L)'
_entity_poly.pdbx_seq_one_letter_code
;MGSSHHHHHHSSGLVPRGSHMAISHVQLFSVPVSDQEKAKDFYVETVGFDLLADQPGVHGRWLQVAPKGADTSLVLVDWF
PTMPPGSLRGLLLRTDDVDADCARLQERGVAVDGPKNTPWGRQAMFSDPDGNVIGLNQPSASAG
;
_entity_poly.pdbx_strand_id   A,B
#
# COMPACT_ATOMS: atom_id res chain seq x y z
N HIS A 20 -19.81 -13.30 3.40
CA HIS A 20 -18.40 -13.46 2.87
C HIS A 20 -18.07 -12.35 1.86
N MET A 21 -17.18 -11.44 2.22
CA MET A 21 -16.96 -10.19 1.42
C MET A 21 -16.46 -10.47 0.02
N ALA A 22 -16.76 -9.58 -0.90
CA ALA A 22 -16.36 -9.71 -2.30
C ALA A 22 -15.06 -8.96 -2.63
N ILE A 23 -14.24 -8.65 -1.60
CA ILE A 23 -13.00 -7.94 -1.81
C ILE A 23 -11.99 -8.90 -2.42
N SER A 24 -11.44 -8.56 -3.58
CA SER A 24 -10.46 -9.41 -4.30
C SER A 24 -9.01 -9.00 -4.06
N HIS A 25 -8.74 -7.70 -3.97
CA HIS A 25 -7.39 -7.21 -3.76
C HIS A 25 -7.34 -5.73 -3.47
N VAL A 26 -6.16 -5.25 -3.07
CA VAL A 26 -5.91 -3.81 -2.95
C VAL A 26 -5.71 -3.25 -4.36
N GLN A 27 -6.56 -2.32 -4.72
CA GLN A 27 -6.47 -1.69 -6.02
C GLN A 27 -5.28 -0.76 -6.02
N LEU A 28 -5.19 0.05 -4.96
CA LEU A 28 -4.10 1.02 -4.85
C LEU A 28 -3.98 1.57 -3.47
N PHE A 29 -2.78 2.07 -3.17
CA PHE A 29 -2.52 2.81 -1.91
C PHE A 29 -1.71 4.06 -2.26
N SER A 30 -1.53 4.96 -1.28
CA SER A 30 -0.98 6.28 -1.54
C SER A 30 0.37 6.49 -0.92
N VAL A 31 1.24 7.18 -1.63
CA VAL A 31 2.58 7.57 -1.17
C VAL A 31 2.62 9.14 -1.15
N PRO A 32 2.92 9.74 0.01
CA PRO A 32 2.93 11.20 0.16
C PRO A 32 4.21 11.81 -0.37
N VAL A 33 4.08 12.76 -1.29
CA VAL A 33 5.22 13.40 -1.92
C VAL A 33 4.97 14.89 -1.94
N SER A 34 5.98 15.67 -2.31
CA SER A 34 5.85 17.15 -2.35
C SER A 34 5.86 17.57 -3.80
N ASP A 35 7.02 17.59 -4.46
CA ASP A 35 7.10 17.83 -5.91
C ASP A 35 6.64 16.55 -6.67
N GLN A 36 5.48 16.64 -7.32
CA GLN A 36 4.91 15.46 -7.98
C GLN A 36 5.60 15.14 -9.29
N GLU A 37 6.05 16.16 -10.02
CA GLU A 37 6.81 15.99 -11.28
C GLU A 37 8.12 15.24 -11.08
N LYS A 38 8.77 15.58 -9.96
CA LYS A 38 10.02 14.98 -9.51
C LYS A 38 9.78 13.53 -9.08
N ALA A 39 8.76 13.32 -8.25
CA ALA A 39 8.38 11.99 -7.86
C ALA A 39 8.08 11.15 -9.10
N LYS A 40 7.33 11.70 -10.06
CA LYS A 40 7.01 10.98 -11.26
C LYS A 40 8.26 10.47 -11.92
N ASP A 41 9.18 11.37 -12.25
N ASP A 41 9.17 11.39 -12.25
CA ASP A 41 10.41 10.97 -12.93
CA ASP A 41 10.46 11.07 -12.86
C ASP A 41 11.20 9.94 -12.11
C ASP A 41 11.15 9.93 -12.11
N PHE A 42 11.24 10.08 -10.79
CA PHE A 42 11.86 9.04 -9.94
C PHE A 42 11.20 7.67 -10.06
N TYR A 43 9.89 7.59 -9.87
CA TYR A 43 9.23 6.28 -9.89
C TYR A 43 9.20 5.65 -11.29
N VAL A 44 9.07 6.48 -12.34
CA VAL A 44 9.01 6.00 -13.72
C VAL A 44 10.40 5.79 -14.35
N GLU A 45 11.26 6.79 -14.33
CA GLU A 45 12.55 6.66 -15.01
C GLU A 45 13.53 5.85 -14.16
N THR A 46 13.67 6.19 -12.89
CA THR A 46 14.72 5.62 -12.06
C THR A 46 14.33 4.21 -11.57
N VAL A 47 13.14 4.08 -10.99
CA VAL A 47 12.71 2.82 -10.46
C VAL A 47 12.06 1.96 -11.56
N GLY A 48 11.66 2.58 -12.68
CA GLY A 48 11.15 1.84 -13.83
C GLY A 48 9.71 1.39 -13.77
N PHE A 49 8.91 2.00 -12.91
CA PHE A 49 7.47 1.70 -12.87
C PHE A 49 6.83 2.20 -14.16
N ASP A 50 5.68 1.65 -14.49
CA ASP A 50 4.85 2.09 -15.61
C ASP A 50 4.01 3.24 -15.08
N LEU A 51 3.79 4.25 -15.94
CA LEU A 51 2.91 5.39 -15.67
C LEU A 51 1.52 5.03 -16.16
N LEU A 52 0.57 4.89 -15.24
CA LEU A 52 -0.78 4.44 -15.57
C LEU A 52 -1.72 5.59 -15.85
N ALA A 53 -1.56 6.66 -15.09
CA ALA A 53 -2.43 7.81 -15.25
C ALA A 53 -1.73 9.00 -14.69
N ASP A 54 -1.93 10.14 -15.35
CA ASP A 54 -1.48 11.44 -14.89
C ASP A 54 -2.55 12.44 -15.34
N GLN A 55 -3.48 12.79 -14.45
CA GLN A 55 -4.58 13.68 -14.84
C GLN A 55 -5.17 14.37 -13.61
N PRO A 56 -6.18 15.26 -13.81
CA PRO A 56 -6.74 15.91 -12.61
C PRO A 56 -7.54 14.95 -11.78
N GLY A 57 -7.47 15.13 -10.48
CA GLY A 57 -8.28 14.40 -9.53
C GLY A 57 -9.01 15.39 -8.66
N VAL A 58 -9.74 14.89 -7.67
CA VAL A 58 -10.64 15.73 -6.87
C VAL A 58 -9.85 16.69 -5.95
N HIS A 59 -8.77 16.23 -5.31
CA HIS A 59 -7.98 17.16 -4.47
C HIS A 59 -6.71 17.66 -5.12
N GLY A 60 -6.51 17.38 -6.41
CA GLY A 60 -5.27 17.79 -7.13
C GLY A 60 -4.86 16.74 -8.17
N ARG A 61 -3.60 16.84 -8.62
CA ARG A 61 -3.03 15.99 -9.69
C ARG A 61 -2.96 14.52 -9.25
N TRP A 62 -3.63 13.66 -10.00
CA TRP A 62 -3.65 12.21 -9.80
C TRP A 62 -2.54 11.62 -10.59
N LEU A 63 -1.59 11.03 -9.89
CA LEU A 63 -0.39 10.48 -10.50
C LEU A 63 -0.26 9.05 -10.00
N GLN A 64 -0.38 8.12 -10.93
CA GLN A 64 -0.60 6.74 -10.57
C GLN A 64 0.43 5.86 -11.31
N VAL A 65 1.17 5.07 -10.53
CA VAL A 65 2.29 4.27 -11.06
C VAL A 65 2.23 2.86 -10.52
N ALA A 66 2.82 1.95 -11.28
CA ALA A 66 2.82 0.53 -10.92
C ALA A 66 3.94 -0.22 -11.66
N PRO A 67 4.56 -1.22 -11.02
CA PRO A 67 5.35 -2.15 -11.79
C PRO A 67 4.48 -2.73 -12.90
N LYS A 68 5.03 -2.89 -14.12
CA LYS A 68 4.27 -3.40 -15.28
C LYS A 68 3.44 -4.60 -14.90
N GLY A 69 2.14 -4.50 -15.12
CA GLY A 69 1.28 -5.68 -15.02
C GLY A 69 0.81 -6.03 -13.62
N ALA A 70 1.21 -5.27 -12.60
CA ALA A 70 0.80 -5.61 -11.22
C ALA A 70 -0.64 -5.16 -10.93
N ASP A 71 -1.32 -5.90 -10.08
CA ASP A 71 -2.70 -5.61 -9.70
C ASP A 71 -2.83 -4.39 -8.79
N THR A 72 -1.82 -4.10 -8.00
CA THR A 72 -1.88 -3.05 -6.98
C THR A 72 -0.97 -1.94 -7.43
N SER A 73 -1.53 -0.76 -7.59
CA SER A 73 -0.77 0.42 -8.04
C SER A 73 -0.59 1.35 -6.89
N LEU A 74 0.18 2.41 -7.12
CA LEU A 74 0.54 3.41 -6.11
C LEU A 74 0.18 4.75 -6.66
N VAL A 75 -0.32 5.63 -5.79
CA VAL A 75 -0.68 7.00 -6.15
C VAL A 75 0.24 8.02 -5.47
N LEU A 76 0.78 8.96 -6.24
CA LEU A 76 1.82 9.83 -5.73
C LEU A 76 1.14 11.12 -5.38
N VAL A 77 0.73 11.25 -4.10
CA VAL A 77 -0.18 12.31 -3.67
C VAL A 77 0.50 13.31 -2.76
N ASP A 78 -0.14 14.48 -2.64
CA ASP A 78 0.32 15.54 -1.78
C ASP A 78 -0.83 16.16 -0.97
N TRP A 79 -1.97 15.48 -0.79
CA TRP A 79 -3.19 16.13 -0.21
C TRP A 79 -3.73 15.58 1.11
N PHE A 80 -2.96 14.75 1.81
CA PHE A 80 -3.33 14.21 3.10
C PHE A 80 -2.43 14.77 4.20
N PRO A 81 -2.95 15.68 5.08
CA PRO A 81 -2.11 16.28 6.15
C PRO A 81 -1.54 15.22 7.08
N THR A 82 -2.36 14.21 7.36
CA THR A 82 -1.97 13.06 8.17
C THR A 82 -0.80 12.22 7.61
N MET A 83 -0.43 12.41 6.34
CA MET A 83 0.74 11.75 5.76
C MET A 83 1.60 12.86 5.12
N PRO A 84 2.53 13.44 5.89
CA PRO A 84 3.37 14.48 5.30
C PRO A 84 4.31 13.86 4.25
N PRO A 85 4.84 14.69 3.34
CA PRO A 85 5.77 14.16 2.33
C PRO A 85 6.94 13.40 2.99
N GLY A 86 7.25 12.20 2.50
CA GLY A 86 8.43 11.48 2.97
C GLY A 86 8.24 10.68 4.24
N SER A 87 6.99 10.59 4.72
CA SER A 87 6.70 9.93 6.00
C SER A 87 6.57 8.41 5.89
N LEU A 88 6.40 7.91 4.67
CA LEU A 88 5.95 6.54 4.51
C LEU A 88 7.12 5.62 4.70
N ARG A 89 6.88 4.54 5.43
CA ARG A 89 7.85 3.49 5.70
C ARG A 89 7.15 2.13 5.56
N GLY A 90 7.94 1.08 5.59
CA GLY A 90 7.45 -0.30 5.59
C GLY A 90 6.74 -0.70 4.30
N LEU A 91 7.22 -0.18 3.19
CA LEU A 91 6.80 -0.61 1.86
C LEU A 91 7.86 -1.56 1.30
N LEU A 92 7.41 -2.73 0.85
CA LEU A 92 8.30 -3.73 0.33
C LEU A 92 7.88 -4.20 -1.03
N LEU A 93 8.78 -4.04 -1.99
CA LEU A 93 8.60 -4.47 -3.36
C LEU A 93 9.28 -5.81 -3.59
N ARG A 94 8.56 -6.75 -4.22
CA ARG A 94 9.10 -8.04 -4.58
C ARG A 94 9.80 -7.90 -5.93
N THR A 95 11.01 -8.42 -6.00
CA THR A 95 11.77 -8.53 -7.24
C THR A 95 12.29 -9.96 -7.45
N ASP A 96 12.37 -10.36 -8.71
CA ASP A 96 12.99 -11.61 -9.12
C ASP A 96 14.51 -11.61 -9.12
N ASP A 97 15.13 -10.44 -9.07
CA ASP A 97 16.61 -10.37 -8.98
C ASP A 97 17.08 -9.14 -8.19
N VAL A 98 17.27 -9.31 -6.88
CA VAL A 98 17.63 -8.17 -6.05
C VAL A 98 19.05 -7.63 -6.29
N ASP A 99 20.01 -8.50 -6.56
CA ASP A 99 21.37 -8.03 -6.91
C ASP A 99 21.36 -7.10 -8.15
N ALA A 100 20.73 -7.54 -9.22
CA ALA A 100 20.73 -6.74 -10.45
C ALA A 100 20.02 -5.40 -10.25
N ASP A 101 18.94 -5.43 -9.46
CA ASP A 101 18.16 -4.21 -9.28
C ASP A 101 18.94 -3.18 -8.48
N CYS A 102 19.62 -3.63 -7.44
CA CYS A 102 20.54 -2.82 -6.66
C CYS A 102 21.69 -2.25 -7.51
N ALA A 103 22.26 -3.09 -8.37
CA ALA A 103 23.31 -2.63 -9.29
C ALA A 103 22.75 -1.52 -10.18
N ARG A 104 21.54 -1.72 -10.71
CA ARG A 104 20.90 -0.75 -11.58
C ARG A 104 20.61 0.57 -10.86
N LEU A 105 20.07 0.48 -9.65
CA LEU A 105 19.76 1.68 -8.90
C LEU A 105 21.00 2.49 -8.65
N GLN A 106 22.07 1.82 -8.19
CA GLN A 106 23.35 2.46 -7.92
C GLN A 106 23.86 3.17 -9.20
N GLU A 107 23.74 2.46 -10.33
CA GLU A 107 24.12 2.96 -11.66
C GLU A 107 23.37 4.24 -11.97
N ARG A 108 22.08 4.23 -11.62
CA ARG A 108 21.19 5.35 -11.83
C ARG A 108 21.28 6.43 -10.78
N GLY A 109 22.24 6.33 -9.87
CA GLY A 109 22.54 7.42 -8.93
C GLY A 109 21.67 7.47 -7.70
N VAL A 110 21.21 6.30 -7.27
CA VAL A 110 20.48 6.15 -6.03
C VAL A 110 21.33 5.35 -5.03
N ALA A 111 21.29 5.81 -3.78
CA ALA A 111 21.94 5.16 -2.65
C ALA A 111 21.14 3.93 -2.26
N VAL A 112 21.80 2.77 -2.25
CA VAL A 112 21.17 1.51 -1.83
C VAL A 112 21.86 1.00 -0.58
N ASP A 113 21.05 0.53 0.36
CA ASP A 113 21.49 -0.15 1.54
C ASP A 113 21.12 -1.64 1.38
N GLY A 114 22.12 -2.50 1.17
CA GLY A 114 21.89 -3.90 0.95
C GLY A 114 22.54 -4.26 -0.36
N PRO A 115 22.35 -5.46 -0.89
CA PRO A 115 21.47 -6.47 -0.34
C PRO A 115 22.04 -7.29 0.83
N LYS A 116 21.22 -7.48 1.88
CA LYS A 116 21.50 -8.38 2.99
C LYS A 116 20.49 -9.54 2.96
N ASN A 117 20.92 -10.70 3.43
CA ASN A 117 20.02 -11.84 3.64
C ASN A 117 19.23 -11.64 4.92
N THR A 118 18.01 -12.16 4.94
CA THR A 118 17.14 -12.13 6.10
C THR A 118 16.34 -13.43 6.15
N PRO A 119 15.65 -13.72 7.28
CA PRO A 119 14.82 -14.94 7.34
C PRO A 119 13.76 -15.11 6.21
N TRP A 120 13.39 -14.00 5.57
CA TRP A 120 12.28 -13.93 4.63
C TRP A 120 12.71 -13.64 3.19
N GLY A 121 14.02 -13.59 2.94
CA GLY A 121 14.56 -13.36 1.59
C GLY A 121 15.67 -12.34 1.56
N ARG A 122 16.21 -12.13 0.36
CA ARG A 122 17.32 -11.24 0.18
C ARG A 122 16.80 -9.82 -0.04
N GLN A 123 17.23 -8.85 0.80
CA GLN A 123 16.58 -7.54 0.83
C GLN A 123 17.49 -6.33 0.77
N ALA A 124 16.94 -5.22 0.28
CA ALA A 124 17.66 -3.93 0.22
C ALA A 124 16.72 -2.75 0.52
N MET A 125 17.28 -1.58 0.80
CA MET A 125 16.51 -0.37 1.07
C MET A 125 17.09 0.85 0.35
N PHE A 126 16.19 1.73 -0.05
CA PHE A 126 16.55 3.02 -0.59
C PHE A 126 15.40 3.96 -0.32
N SER A 127 15.57 5.22 -0.70
CA SER A 127 14.58 6.26 -0.42
C SER A 127 14.25 7.05 -1.68
N ASP A 128 13.05 7.64 -1.73
CA ASP A 128 12.65 8.47 -2.87
C ASP A 128 13.07 9.95 -2.59
N PRO A 129 12.73 10.90 -3.50
CA PRO A 129 13.28 12.25 -3.32
C PRO A 129 12.75 12.99 -2.10
N ASP A 130 11.59 12.59 -1.58
CA ASP A 130 11.05 13.10 -0.30
C ASP A 130 11.46 12.36 0.97
N GLY A 131 12.07 11.17 0.84
CA GLY A 131 12.57 10.41 2.01
C GLY A 131 11.69 9.23 2.40
N ASN A 132 10.68 8.91 1.58
CA ASN A 132 9.88 7.71 1.80
C ASN A 132 10.82 6.58 1.52
N VAL A 133 10.67 5.50 2.26
CA VAL A 133 11.64 4.41 2.28
C VAL A 133 11.01 3.17 1.66
N ILE A 134 11.68 2.65 0.65
CA ILE A 134 11.20 1.56 -0.16
C ILE A 134 12.15 0.38 0.02
N GLY A 135 11.57 -0.79 0.32
CA GLY A 135 12.31 -2.03 0.32
C GLY A 135 12.23 -2.81 -0.99
N LEU A 136 13.31 -3.55 -1.28
CA LEU A 136 13.32 -4.63 -2.27
C LEU A 136 13.39 -5.99 -1.51
N ASN A 137 12.69 -7.02 -1.98
CA ASN A 137 12.85 -8.37 -1.46
C ASN A 137 12.78 -9.43 -2.56
N GLN A 138 13.79 -10.29 -2.59
CA GLN A 138 13.79 -11.49 -3.46
C GLN A 138 13.68 -12.69 -2.53
N PRO A 139 12.50 -13.34 -2.45
CA PRO A 139 12.33 -14.46 -1.51
C PRO A 139 13.14 -15.71 -1.86
N SER A 140 13.34 -16.56 -0.86
CA SER A 140 14.28 -17.68 -0.93
C SER A 140 13.90 -18.78 -1.93
N HIS B 20 15.75 -2.96 -17.98
CA HIS B 20 14.43 -2.95 -17.24
C HIS B 20 14.67 -3.48 -15.82
N MET B 21 13.94 -2.97 -14.82
CA MET B 21 14.03 -3.54 -13.47
C MET B 21 13.30 -4.91 -13.38
N ALA B 22 13.73 -5.77 -12.45
CA ALA B 22 13.15 -7.10 -12.19
C ALA B 22 12.02 -7.10 -11.10
N ILE B 23 11.60 -5.91 -10.70
CA ILE B 23 10.49 -5.75 -9.76
C ILE B 23 9.20 -6.22 -10.45
N SER B 24 8.49 -7.16 -9.81
CA SER B 24 7.22 -7.71 -10.34
C SER B 24 5.98 -7.05 -9.75
N HIS B 25 5.98 -6.84 -8.42
CA HIS B 25 4.86 -6.20 -7.74
C HIS B 25 5.21 -5.71 -6.32
N VAL B 26 4.33 -4.92 -5.72
CA VAL B 26 4.42 -4.57 -4.31
C VAL B 26 4.03 -5.82 -3.52
N GLN B 27 4.99 -6.34 -2.76
CA GLN B 27 4.76 -7.51 -1.90
C GLN B 27 3.85 -7.16 -0.75
N LEU B 28 4.20 -6.06 -0.06
CA LEU B 28 3.37 -5.57 1.00
C LEU B 28 3.66 -4.12 1.31
N PHE B 29 2.75 -3.47 2.05
CA PHE B 29 2.91 -2.11 2.59
C PHE B 29 2.31 -2.07 3.99
N SER B 30 2.57 -1.00 4.73
CA SER B 30 2.23 -0.97 6.17
C SER B 30 1.03 -0.09 6.54
N VAL B 31 0.25 -0.57 7.51
CA VAL B 31 -0.89 0.19 8.06
C VAL B 31 -0.67 0.47 9.54
N PRO B 32 -0.54 1.75 9.92
CA PRO B 32 -0.20 2.04 11.32
C PRO B 32 -1.39 1.82 12.27
N VAL B 33 -1.20 0.97 13.28
CA VAL B 33 -2.21 0.67 14.30
C VAL B 33 -1.63 0.77 15.72
N SER B 34 -2.53 0.82 16.72
CA SER B 34 -2.13 0.91 18.13
C SER B 34 -2.27 -0.44 18.79
N ASP B 35 -3.48 -1.00 18.78
CA ASP B 35 -3.74 -2.31 19.37
C ASP B 35 -3.73 -3.27 18.21
N GLN B 36 -2.72 -4.13 18.16
CA GLN B 36 -2.57 -5.14 17.11
C GLN B 36 -3.61 -6.27 17.20
N GLU B 37 -4.10 -6.56 18.40
CA GLU B 37 -5.06 -7.63 18.58
C GLU B 37 -6.42 -7.16 18.08
N LYS B 38 -6.79 -5.91 18.39
CA LYS B 38 -8.00 -5.32 17.83
C LYS B 38 -7.94 -5.26 16.32
N ALA B 39 -6.89 -4.61 15.81
CA ALA B 39 -6.63 -4.48 14.37
C ALA B 39 -6.84 -5.81 13.65
N LYS B 40 -6.17 -6.84 14.11
CA LYS B 40 -6.23 -8.16 13.50
C LYS B 40 -7.65 -8.73 13.38
N ASP B 41 -8.38 -8.64 14.50
CA ASP B 41 -9.77 -9.06 14.54
C ASP B 41 -10.61 -8.23 13.59
N PHE B 42 -10.34 -6.93 13.53
CA PHE B 42 -11.07 -6.06 12.61
C PHE B 42 -10.86 -6.50 11.15
N TYR B 43 -9.60 -6.55 10.71
CA TYR B 43 -9.26 -6.88 9.32
C TYR B 43 -9.64 -8.32 8.94
N VAL B 44 -9.55 -9.24 9.90
CA VAL B 44 -9.78 -10.66 9.62
C VAL B 44 -11.24 -11.07 9.75
N GLU B 45 -11.90 -10.60 10.82
CA GLU B 45 -13.33 -10.89 11.12
C GLU B 45 -14.28 -9.87 10.49
N THR B 46 -13.98 -8.57 10.56
CA THR B 46 -14.92 -7.60 10.04
C THR B 46 -14.77 -7.48 8.56
N VAL B 47 -13.56 -7.15 8.11
CA VAL B 47 -13.30 -6.89 6.70
C VAL B 47 -13.16 -8.17 5.89
N GLY B 48 -12.97 -9.29 6.58
CA GLY B 48 -12.88 -10.60 5.94
C GLY B 48 -11.57 -10.96 5.25
N PHE B 49 -10.46 -10.38 5.66
CA PHE B 49 -9.15 -10.84 5.10
C PHE B 49 -8.70 -12.17 5.70
N ASP B 50 -7.85 -12.88 4.97
CA ASP B 50 -7.04 -13.97 5.51
C ASP B 50 -5.87 -13.43 6.32
N LEU B 51 -5.53 -14.18 7.37
CA LEU B 51 -4.37 -13.91 8.21
C LEU B 51 -3.19 -14.66 7.65
N LEU B 52 -2.17 -13.93 7.18
CA LEU B 52 -1.06 -14.55 6.45
C LEU B 52 0.09 -14.92 7.38
N ALA B 53 0.30 -14.11 8.43
CA ALA B 53 1.26 -14.40 9.48
C ALA B 53 0.95 -13.69 10.80
N ASP B 54 1.34 -14.34 11.89
CA ASP B 54 1.23 -13.78 13.21
C ASP B 54 2.39 -14.37 13.99
N GLN B 55 3.50 -13.63 13.98
CA GLN B 55 4.78 -14.14 14.36
C GLN B 55 5.70 -13.02 14.81
N PRO B 56 6.85 -13.36 15.44
CA PRO B 56 7.72 -12.30 15.94
C PRO B 56 8.58 -11.76 14.81
N GLY B 57 8.61 -10.43 14.69
CA GLY B 57 9.51 -9.73 13.75
C GLY B 57 10.62 -8.92 14.41
N VAL B 58 11.28 -8.09 13.61
CA VAL B 58 12.46 -7.31 14.02
C VAL B 58 12.05 -6.31 15.10
N HIS B 59 11.14 -5.39 14.74
CA HIS B 59 10.73 -4.27 15.61
C HIS B 59 9.44 -4.56 16.38
N GLY B 60 9.14 -5.84 16.60
CA GLY B 60 7.99 -6.24 17.41
C GLY B 60 7.20 -7.36 16.76
N ARG B 61 5.89 -7.32 16.97
CA ARG B 61 5.00 -8.39 16.49
C ARG B 61 4.63 -8.13 15.03
N TRP B 62 4.86 -9.15 14.21
CA TRP B 62 4.60 -9.09 12.77
C TRP B 62 3.24 -9.72 12.44
N LEU B 63 2.32 -8.88 11.97
CA LEU B 63 0.91 -9.26 11.74
C LEU B 63 0.49 -8.85 10.34
N GLN B 64 0.15 -9.85 9.53
CA GLN B 64 0.07 -9.66 8.08
C GLN B 64 -1.22 -10.27 7.53
N VAL B 65 -1.99 -9.41 6.86
CA VAL B 65 -3.35 -9.74 6.38
C VAL B 65 -3.47 -9.39 4.90
N ALA B 66 -4.28 -10.16 4.17
CA ALA B 66 -4.51 -9.91 2.74
C ALA B 66 -5.88 -10.46 2.35
N PRO B 67 -6.50 -9.90 1.31
CA PRO B 67 -7.65 -10.59 0.75
C PRO B 67 -7.22 -11.95 0.21
N LYS B 68 -8.08 -12.96 0.33
CA LYS B 68 -7.77 -14.28 -0.19
C LYS B 68 -7.33 -14.19 -1.64
N GLY B 69 -6.22 -14.83 -1.98
CA GLY B 69 -5.76 -14.91 -3.38
C GLY B 69 -4.83 -13.80 -3.81
N ALA B 70 -4.78 -12.68 -3.08
CA ALA B 70 -4.17 -11.43 -3.62
C ALA B 70 -2.64 -11.37 -3.55
N ASP B 71 -2.04 -10.68 -4.50
CA ASP B 71 -0.59 -10.52 -4.53
C ASP B 71 -0.06 -9.59 -3.45
N THR B 72 -0.74 -8.47 -3.21
CA THR B 72 -0.20 -7.48 -2.30
C THR B 72 -0.91 -7.59 -0.96
N SER B 73 -0.11 -7.61 0.12
CA SER B 73 -0.61 -7.80 1.48
C SER B 73 -0.26 -6.61 2.35
N LEU B 74 -0.84 -6.60 3.56
CA LEU B 74 -0.80 -5.48 4.47
C LEU B 74 -0.22 -5.91 5.78
N VAL B 75 0.61 -5.05 6.37
CA VAL B 75 1.22 -5.35 7.67
C VAL B 75 0.71 -4.31 8.63
N LEU B 76 0.15 -4.76 9.75
CA LEU B 76 -0.43 -3.88 10.77
C LEU B 76 0.65 -3.66 11.84
N VAL B 77 1.31 -2.52 11.76
CA VAL B 77 2.51 -2.24 12.53
C VAL B 77 2.25 -1.09 13.45
N ASP B 78 3.12 -0.93 14.45
CA ASP B 78 2.99 0.11 15.48
C ASP B 78 4.24 0.99 15.62
N TRP B 79 5.26 0.72 14.81
CA TRP B 79 6.66 1.16 15.09
C TRP B 79 7.36 2.12 14.10
N PHE B 80 6.61 2.89 13.32
CA PHE B 80 7.20 3.98 12.54
C PHE B 80 6.66 5.26 13.08
N PRO B 81 7.49 6.07 13.78
CA PRO B 81 7.10 7.40 14.29
C PRO B 81 6.49 8.36 13.25
N THR B 82 6.93 8.29 12.00
CA THR B 82 6.41 9.14 10.94
C THR B 82 5.01 8.72 10.42
N MET B 83 4.52 7.56 10.86
CA MET B 83 3.18 7.05 10.55
C MET B 83 2.47 6.74 11.87
N PRO B 84 1.89 7.79 12.48
CA PRO B 84 1.15 7.54 13.75
C PRO B 84 -0.11 6.67 13.50
N PRO B 85 -0.51 5.83 14.45
CA PRO B 85 -1.76 5.06 14.33
C PRO B 85 -2.94 5.87 13.80
N GLY B 86 -3.67 5.31 12.83
CA GLY B 86 -4.89 5.93 12.30
C GLY B 86 -4.65 7.02 11.29
N SER B 87 -3.39 7.23 10.91
CA SER B 87 -3.00 8.34 10.06
C SER B 87 -3.07 8.04 8.57
N LEU B 88 -3.32 6.80 8.20
CA LEU B 88 -3.17 6.39 6.80
C LEU B 88 -4.42 6.72 6.02
N ARG B 89 -4.22 7.15 4.78
CA ARG B 89 -5.32 7.55 3.89
C ARG B 89 -5.08 7.01 2.49
N GLY B 90 -6.08 7.18 1.64
CA GLY B 90 -5.95 6.88 0.20
C GLY B 90 -5.59 5.44 -0.13
N LEU B 91 -6.20 4.52 0.60
CA LEU B 91 -6.16 3.09 0.36
C LEU B 91 -7.50 2.68 -0.26
N LEU B 92 -7.45 2.03 -1.41
CA LEU B 92 -8.65 1.62 -2.13
C LEU B 92 -8.63 0.14 -2.42
N LEU B 93 -9.65 -0.57 -1.94
CA LEU B 93 -9.79 -2.00 -2.16
C LEU B 93 -10.76 -2.26 -3.27
N ARG B 94 -10.34 -3.12 -4.20
CA ARG B 94 -11.19 -3.55 -5.28
C ARG B 94 -12.12 -4.69 -4.82
N THR B 95 -13.41 -4.56 -5.15
CA THR B 95 -14.41 -5.53 -4.74
C THR B 95 -15.35 -5.80 -5.89
N ASP B 96 -15.87 -7.02 -5.93
CA ASP B 96 -16.87 -7.41 -6.94
C ASP B 96 -18.31 -7.10 -6.55
N ASP B 97 -18.53 -6.70 -5.30
CA ASP B 97 -19.87 -6.33 -4.88
C ASP B 97 -19.80 -5.36 -3.74
N VAL B 98 -19.56 -4.10 -4.07
CA VAL B 98 -19.49 -3.03 -3.09
C VAL B 98 -20.78 -2.87 -2.31
N ASP B 99 -21.92 -3.05 -2.99
CA ASP B 99 -23.25 -2.94 -2.35
C ASP B 99 -23.43 -3.95 -1.24
N ALA B 100 -23.21 -5.23 -1.54
CA ALA B 100 -23.25 -6.30 -0.53
C ALA B 100 -22.16 -6.15 0.56
N ASP B 101 -20.97 -5.68 0.15
CA ASP B 101 -19.90 -5.40 1.13
C ASP B 101 -20.28 -4.31 2.11
N CYS B 102 -20.81 -3.19 1.63
CA CYS B 102 -21.17 -2.09 2.52
C CYS B 102 -22.26 -2.46 3.52
N ALA B 103 -23.17 -3.31 3.07
CA ALA B 103 -24.25 -3.82 3.93
C ALA B 103 -23.72 -4.85 4.92
N ARG B 104 -22.77 -5.71 4.50
CA ARG B 104 -22.08 -6.60 5.48
C ARG B 104 -21.30 -5.83 6.56
N LEU B 105 -20.65 -4.73 6.18
CA LEU B 105 -19.87 -3.96 7.13
C LEU B 105 -20.80 -3.33 8.14
N GLN B 106 -21.89 -2.76 7.64
CA GLN B 106 -22.92 -2.06 8.45
C GLN B 106 -23.57 -2.90 9.54
N GLU B 107 -23.92 -4.13 9.18
N GLU B 107 -23.95 -4.14 9.21
CA GLU B 107 -24.47 -5.13 10.10
CA GLU B 107 -24.52 -5.06 10.18
C GLU B 107 -23.48 -5.64 11.15
C GLU B 107 -23.49 -5.64 11.17
N ARG B 108 -22.21 -5.25 11.04
CA ARG B 108 -21.16 -5.65 11.99
C ARG B 108 -20.63 -4.45 12.78
N GLY B 109 -21.28 -3.30 12.61
CA GLY B 109 -21.05 -2.14 13.45
C GLY B 109 -20.21 -1.06 12.82
N VAL B 110 -19.88 -1.18 11.53
CA VAL B 110 -19.02 -0.20 10.88
C VAL B 110 -19.88 0.89 10.22
N ALA B 111 -19.55 2.14 10.55
CA ALA B 111 -20.13 3.32 9.91
C ALA B 111 -19.55 3.38 8.52
N VAL B 112 -20.40 3.31 7.50
CA VAL B 112 -19.99 3.43 6.10
C VAL B 112 -20.51 4.70 5.48
N ASP B 113 -19.70 5.34 4.66
CA ASP B 113 -20.10 6.47 3.83
C ASP B 113 -20.13 5.96 2.38
N GLY B 114 -21.34 5.73 1.88
CA GLY B 114 -21.57 5.25 0.53
C GLY B 114 -22.46 4.03 0.57
N PRO B 115 -22.68 3.36 -0.56
CA PRO B 115 -21.96 3.62 -1.82
C PRO B 115 -22.47 4.82 -2.64
N LYS B 116 -21.58 5.45 -3.41
CA LYS B 116 -21.91 6.50 -4.35
C LYS B 116 -21.29 6.10 -5.66
N ASN B 117 -21.94 6.43 -6.77
CA ASN B 117 -21.27 6.34 -8.06
C ASN B 117 -20.29 7.52 -8.24
N THR B 118 -19.13 7.18 -8.78
CA THR B 118 -18.12 8.15 -9.13
C THR B 118 -17.75 7.87 -10.56
N PRO B 119 -17.00 8.77 -11.21
CA PRO B 119 -16.49 8.48 -12.56
C PRO B 119 -15.69 7.17 -12.69
N TRP B 120 -15.05 6.73 -11.59
CA TRP B 120 -14.15 5.60 -11.61
C TRP B 120 -14.73 4.37 -10.92
N GLY B 121 -16.05 4.24 -10.89
CA GLY B 121 -16.71 3.07 -10.30
C GLY B 121 -17.53 3.46 -9.09
N ARG B 122 -18.26 2.47 -8.57
CA ARG B 122 -19.10 2.66 -7.40
C ARG B 122 -18.24 2.49 -6.17
N GLN B 123 -18.28 3.47 -5.28
CA GLN B 123 -17.29 3.61 -4.22
C GLN B 123 -17.88 3.92 -2.86
N ALA B 124 -17.16 3.49 -1.83
CA ALA B 124 -17.61 3.61 -0.45
C ALA B 124 -16.39 3.75 0.46
N MET B 125 -16.61 4.07 1.73
CA MET B 125 -15.51 4.45 2.62
C MET B 125 -15.81 4.14 4.07
N PHE B 126 -14.80 3.70 4.79
CA PHE B 126 -14.92 3.44 6.21
C PHE B 126 -13.56 3.47 6.87
N SER B 127 -13.56 3.56 8.20
CA SER B 127 -12.36 3.69 8.99
C SER B 127 -12.19 2.43 9.81
N ASP B 128 -10.94 2.03 10.04
CA ASP B 128 -10.62 0.99 11.02
C ASP B 128 -10.71 1.58 12.45
N PRO B 129 -10.53 0.75 13.50
CA PRO B 129 -10.63 1.27 14.87
C PRO B 129 -9.68 2.44 15.22
N ASP B 130 -8.51 2.50 14.56
CA ASP B 130 -7.55 3.57 14.78
C ASP B 130 -7.84 4.82 14.00
N GLY B 131 -8.67 4.73 12.95
CA GLY B 131 -9.06 5.90 12.16
C GLY B 131 -8.44 5.98 10.77
N ASN B 132 -7.77 4.90 10.33
CA ASN B 132 -7.25 4.78 8.95
C ASN B 132 -8.41 4.63 8.00
N VAL B 133 -8.41 5.36 6.91
CA VAL B 133 -9.55 5.40 6.00
C VAL B 133 -9.34 4.45 4.79
N ILE B 134 -10.18 3.43 4.76
CA ILE B 134 -10.21 2.46 3.70
C ILE B 134 -11.37 2.73 2.74
N GLY B 135 -11.05 2.71 1.45
CA GLY B 135 -12.04 2.79 0.39
C GLY B 135 -12.36 1.46 -0.27
N LEU B 136 -13.56 1.38 -0.85
CA LEU B 136 -13.99 0.23 -1.64
C LEU B 136 -14.35 0.71 -3.01
N ASN B 137 -14.10 -0.11 -4.01
CA ASN B 137 -14.41 0.26 -5.39
C ASN B 137 -14.76 -0.92 -6.25
N GLN B 138 -15.96 -0.83 -6.83
CA GLN B 138 -16.46 -1.77 -7.80
C GLN B 138 -16.56 -0.97 -9.10
N PRO B 139 -15.76 -1.34 -10.10
CA PRO B 139 -15.75 -0.57 -11.33
C PRO B 139 -16.98 -0.74 -12.22
N SER B 140 -17.31 0.34 -12.94
CA SER B 140 -18.52 0.43 -13.78
C SER B 140 -18.35 -0.44 -15.02
#